data_3KSW
#
_entry.id   3KSW
#
_cell.length_a   66.468
_cell.length_b   66.468
_cell.length_c   234.281
_cell.angle_alpha   90.00
_cell.angle_beta   90.00
_cell.angle_gamma   120.00
#
_symmetry.space_group_name_H-M   'P 31 2 1'
#
loop_
_entity.id
_entity.type
_entity.pdbx_description
1 polymer 'Sterol 14-alpha demethylase'
2 non-polymer 'PROTOPORPHYRIN IX CONTAINING FE'
3 non-polymer "4'-chloro-N-[(1R)-2-(1H-imidazol-1-yl)-1-phenylethyl]biphenyl-4-carboxamide"
#
_entity_poly.entity_id   1
_entity_poly.type   'polypeptide(L)'
_entity_poly.pdbx_seq_one_letter_code
;KTPPVYPVTVPFLGHIVQFGKNPLEFMQRCKRDLKSGVFTISIGGQRVTIVGDPHEHSRFFSPRNEILSPREVYTIMTPV
FGEGVAYAAPYPRMREQLNFLAEELTIAKFQNFVPAIQHEVRKFMAENWKEDEGVINLLEDCGAMIINTACQCLFGEDLR
KRLNARHFAQLLSKMESSLIPAAVFMPWLLRLPLPQSARCREARAELQKILGEIIVAREKEEASKDNNTSDLLGGLLKAV
YRDGTRMSLHEVCGMIVAAMFAGQHTSTITTSWSMLHLMHPKNKKWLDKLHKEIDEFPAQLNYDNVMDEMPFAERCVRES
IRRDPPLLMVMRMVKAEVKVGSYVVPKGDIIACSPLLSHHDEEAFPNPRLWDPERDEKVDGAFIGFGAGVHKCIGQKFAL
LQVKTILATAFREYDFQLLRDEVPDPDYHTMVVGPTLNQCLVKYTRKKKLPSHHHHHH
;
_entity_poly.pdbx_strand_id   A
#
loop_
_chem_comp.id
_chem_comp.type
_chem_comp.name
_chem_comp.formula
HEM non-polymer 'PROTOPORPHYRIN IX CONTAINING FE' 'C34 H32 Fe N4 O4'
VNF non-polymer 4'-chloro-N-[(1R)-2-(1H-imidazol-1-yl)-1-phenylethyl]biphenyl-4-carboxamide 'C24 H20 Cl N3 O'
#
# COMPACT_ATOMS: atom_id res chain seq x y z
N LYS A 1 -4.40 -26.39 -25.70
CA LYS A 1 -3.51 -25.21 -25.57
C LYS A 1 -4.20 -24.06 -24.83
N THR A 2 -5.47 -23.85 -25.16
CA THR A 2 -6.30 -22.88 -24.46
C THR A 2 -6.71 -23.37 -23.08
N PRO A 3 -6.85 -22.42 -22.16
CA PRO A 3 -7.23 -22.70 -20.78
C PRO A 3 -8.69 -23.07 -20.61
N PRO A 4 -9.01 -23.77 -19.53
CA PRO A 4 -10.38 -24.18 -19.23
C PRO A 4 -11.26 -22.96 -18.96
N VAL A 5 -12.55 -23.07 -19.23
CA VAL A 5 -13.46 -21.94 -19.08
C VAL A 5 -14.67 -22.26 -18.20
N TYR A 6 -15.15 -21.25 -17.50
CA TYR A 6 -16.36 -21.37 -16.67
C TYR A 6 -17.58 -20.93 -17.47
N PRO A 7 -18.73 -21.60 -17.24
CA PRO A 7 -19.95 -21.32 -17.99
C PRO A 7 -20.86 -20.31 -17.30
N VAL A 8 -21.28 -19.29 -18.03
CA VAL A 8 -22.13 -18.23 -17.49
C VAL A 8 -23.61 -18.46 -17.84
N THR A 9 -24.50 -17.96 -17.00
CA THR A 9 -25.94 -18.08 -17.24
C THR A 9 -26.44 -16.98 -18.19
N VAL A 10 -26.30 -15.73 -17.76
CA VAL A 10 -26.69 -14.58 -18.57
C VAL A 10 -25.52 -14.12 -19.44
N PRO A 11 -25.82 -13.82 -20.69
CA PRO A 11 -24.83 -13.29 -21.60
C PRO A 11 -24.41 -11.90 -21.17
N PHE A 12 -25.36 -11.13 -20.67
CA PHE A 12 -25.05 -9.75 -20.30
C PHE A 12 -24.05 -9.54 -19.17
N LEU A 13 -24.13 -10.34 -18.12
CA LEU A 13 -23.19 -10.15 -17.02
C LEU A 13 -22.43 -11.43 -16.68
N GLY A 14 -21.11 -11.31 -16.74
CA GLY A 14 -20.30 -12.46 -16.44
C GLY A 14 -19.66 -12.46 -15.08
N HIS A 15 -20.33 -13.15 -14.17
CA HIS A 15 -19.80 -13.47 -12.85
C HIS A 15 -19.54 -12.22 -12.00
N ILE A 16 -20.22 -11.12 -12.33
CA ILE A 16 -20.03 -9.86 -11.63
C ILE A 16 -20.61 -9.90 -10.21
N VAL A 17 -21.82 -10.44 -10.09
CA VAL A 17 -22.48 -10.55 -8.79
C VAL A 17 -21.72 -11.50 -7.87
N GLN A 18 -21.20 -12.59 -8.44
CA GLN A 18 -20.42 -13.56 -7.69
C GLN A 18 -19.15 -12.91 -7.11
N PHE A 19 -18.62 -11.94 -7.84
CA PHE A 19 -17.49 -11.17 -7.34
C PHE A 19 -17.87 -10.33 -6.14
N GLY A 20 -19.04 -9.71 -6.19
CA GLY A 20 -19.49 -8.84 -5.11
C GLY A 20 -19.63 -9.65 -3.85
N LYS A 21 -20.12 -10.88 -4.04
CA LYS A 21 -20.25 -11.87 -2.99
C LYS A 21 -18.79 -12.16 -2.69
N ASN A 22 -18.46 -12.64 -1.50
CA ASN A 22 -17.06 -12.81 -1.19
C ASN A 22 -16.46 -13.63 -2.30
N PRO A 23 -15.36 -13.15 -2.86
CA PRO A 23 -14.72 -13.79 -4.00
C PRO A 23 -13.70 -14.84 -3.58
N LEU A 24 -13.33 -14.87 -2.31
CA LEU A 24 -12.34 -15.85 -1.91
C LEU A 24 -12.88 -17.25 -2.10
N GLU A 25 -14.11 -17.49 -1.65
CA GLU A 25 -14.73 -18.78 -1.88
C GLU A 25 -15.06 -19.02 -3.35
N PHE A 26 -15.61 -18.01 -3.98
CA PHE A 26 -15.91 -18.11 -5.41
C PHE A 26 -14.72 -18.66 -6.20
N MET A 27 -13.57 -18.00 -6.09
CA MET A 27 -12.39 -18.40 -6.84
C MET A 27 -11.90 -19.79 -6.45
N GLN A 28 -11.96 -20.10 -5.16
CA GLN A 28 -11.58 -21.44 -4.67
C GLN A 28 -12.46 -22.52 -5.26
N ARG A 29 -13.77 -22.28 -5.22
CA ARG A 29 -14.74 -23.22 -5.80
C ARG A 29 -14.29 -23.67 -7.18
N CYS A 30 -14.01 -22.70 -8.05
CA CYS A 30 -13.63 -22.98 -9.43
C CYS A 30 -12.40 -23.86 -9.54
N LYS A 31 -11.39 -23.55 -8.73
CA LYS A 31 -10.12 -24.27 -8.78
C LYS A 31 -10.28 -25.75 -8.44
N ARG A 32 -11.17 -26.04 -7.50
CA ARG A 32 -11.41 -27.41 -7.07
C ARG A 32 -12.17 -28.20 -8.14
N ASP A 33 -13.04 -27.52 -8.88
CA ASP A 33 -13.88 -28.16 -9.89
C ASP A 33 -13.14 -28.47 -11.18
N LEU A 34 -12.54 -27.43 -11.78
CA LEU A 34 -11.79 -27.60 -13.03
C LEU A 34 -10.40 -28.18 -12.77
N LYS A 35 -10.07 -28.32 -11.50
CA LYS A 35 -8.81 -28.95 -11.12
C LYS A 35 -7.60 -28.40 -11.84
N SER A 36 -7.40 -27.09 -11.77
CA SER A 36 -6.30 -26.42 -12.47
C SER A 36 -6.06 -25.02 -11.93
N GLY A 37 -4.81 -24.62 -11.87
CA GLY A 37 -4.44 -23.30 -11.34
C GLY A 37 -4.56 -22.19 -12.36
N VAL A 38 -4.99 -22.53 -13.56
CA VAL A 38 -5.15 -21.55 -14.62
C VAL A 38 -6.47 -21.73 -15.39
N PHE A 39 -7.29 -20.68 -15.38
CA PHE A 39 -8.55 -20.68 -16.11
C PHE A 39 -8.92 -19.26 -16.54
N THR A 40 -10.02 -19.15 -17.29
CA THR A 40 -10.48 -17.85 -17.77
C THR A 40 -11.94 -17.62 -17.37
N ILE A 41 -12.23 -16.43 -16.85
CA ILE A 41 -13.58 -16.12 -16.41
C ILE A 41 -14.45 -15.60 -17.54
N SER A 42 -13.89 -14.69 -18.34
CA SER A 42 -14.63 -13.91 -19.36
C SER A 42 -15.75 -12.98 -18.87
N ILE A 43 -15.42 -12.19 -17.86
CA ILE A 43 -16.34 -11.33 -17.11
C ILE A 43 -17.06 -10.30 -17.98
N GLY A 44 -18.39 -10.28 -17.87
CA GLY A 44 -19.21 -9.32 -18.60
C GLY A 44 -19.02 -9.40 -20.11
N GLY A 45 -18.80 -10.60 -20.61
CA GLY A 45 -18.55 -10.81 -22.04
C GLY A 45 -17.10 -10.63 -22.40
N GLN A 46 -16.29 -10.23 -21.42
CA GLN A 46 -14.87 -9.98 -21.65
C GLN A 46 -13.98 -10.98 -20.90
N ARG A 47 -13.37 -11.88 -21.67
CA ARG A 47 -12.52 -12.94 -21.09
C ARG A 47 -11.46 -12.39 -20.15
N VAL A 48 -11.27 -13.07 -19.02
CA VAL A 48 -10.20 -12.73 -18.09
C VAL A 48 -9.54 -14.00 -17.56
N THR A 49 -8.24 -14.13 -17.80
CA THR A 49 -7.50 -15.33 -17.41
C THR A 49 -6.75 -15.12 -16.10
N ILE A 50 -6.94 -16.06 -15.18
CA ILE A 50 -6.31 -15.97 -13.86
C ILE A 50 -5.17 -16.98 -13.73
N VAL A 51 -4.02 -16.48 -13.30
CA VAL A 51 -2.89 -17.36 -12.97
C VAL A 51 -2.81 -17.50 -11.45
N GLY A 52 -3.22 -18.66 -10.96
CA GLY A 52 -3.26 -18.91 -9.52
C GLY A 52 -2.54 -20.18 -9.09
N ASP A 53 -1.30 -20.33 -9.53
CA ASP A 53 -0.45 -21.44 -9.11
C ASP A 53 0.96 -20.95 -8.79
N PRO A 54 1.37 -21.09 -7.52
CA PRO A 54 2.63 -20.54 -7.04
C PRO A 54 3.78 -20.81 -7.98
N HIS A 55 3.77 -21.99 -8.61
CA HIS A 55 4.86 -22.38 -9.52
C HIS A 55 4.98 -21.47 -10.74
N GLU A 56 3.85 -20.92 -11.19
CA GLU A 56 3.81 -20.19 -12.47
C GLU A 56 4.04 -18.67 -12.34
N HIS A 57 4.28 -18.20 -11.12
CA HIS A 57 4.39 -16.75 -10.89
C HIS A 57 5.42 -16.05 -11.77
N SER A 58 6.49 -16.75 -12.12
CA SER A 58 7.58 -16.14 -12.90
C SER A 58 7.20 -15.91 -14.37
N ARG A 59 6.23 -16.66 -14.87
CA ARG A 59 5.75 -16.48 -16.23
C ARG A 59 4.98 -15.18 -16.38
N PHE A 60 4.74 -14.47 -15.28
CA PHE A 60 3.85 -13.32 -15.26
C PHE A 60 4.55 -12.01 -14.86
N PHE A 61 5.53 -12.10 -13.96
CA PHE A 61 6.26 -10.90 -13.51
C PHE A 61 7.55 -10.66 -14.32
N SER A 62 8.06 -11.71 -14.95
CA SER A 62 9.36 -11.65 -15.61
C SER A 62 9.37 -10.89 -16.94
N PRO A 63 8.25 -11.00 -17.68
CA PRO A 63 8.06 -10.45 -19.04
C PRO A 63 8.04 -8.92 -19.12
N ARG A 64 8.36 -8.37 -20.30
CA ARG A 64 8.58 -6.93 -20.43
C ARG A 64 7.30 -6.14 -20.72
N ASN A 65 7.43 -4.81 -20.80
CA ASN A 65 6.28 -3.94 -21.01
C ASN A 65 5.67 -4.02 -22.42
N GLU A 66 6.53 -4.21 -23.42
CA GLU A 66 6.06 -4.28 -24.81
C GLU A 66 5.13 -5.47 -25.02
N ILE A 67 5.42 -6.57 -24.35
CA ILE A 67 4.59 -7.77 -24.47
C ILE A 67 3.38 -7.65 -23.55
N LEU A 68 3.61 -7.19 -22.33
CA LEU A 68 2.54 -6.99 -21.36
C LEU A 68 2.56 -5.56 -20.81
N SER A 69 1.61 -4.75 -21.27
CA SER A 69 1.54 -3.36 -20.86
C SER A 69 0.63 -3.17 -19.65
N PRO A 70 1.09 -2.32 -18.76
CA PRO A 70 0.38 -2.00 -17.54
C PRO A 70 -0.40 -0.73 -17.72
N ARG A 71 -0.06 0.03 -18.75
CA ARG A 71 -0.70 1.31 -18.92
C ARG A 71 -2.19 1.25 -19.10
N GLU A 72 -2.65 0.32 -19.91
CA GLU A 72 -4.06 0.22 -20.19
C GLU A 72 -4.98 -0.17 -19.03
N VAL A 73 -4.60 -1.14 -18.23
CA VAL A 73 -5.51 -1.56 -17.17
C VAL A 73 -5.77 -0.45 -16.20
N TYR A 74 -4.74 0.26 -15.78
CA TYR A 74 -5.02 1.34 -14.88
C TYR A 74 -5.07 2.58 -15.73
N THR A 75 -6.29 3.11 -15.94
CA THR A 75 -6.54 4.40 -16.64
C THR A 75 -7.34 5.56 -15.94
N ILE A 76 -7.74 5.39 -14.68
CA ILE A 76 -8.56 6.30 -13.88
C ILE A 76 -7.70 7.21 -13.04
N MET A 77 -6.63 6.64 -12.50
CA MET A 77 -5.68 7.42 -11.75
C MET A 77 -5.15 8.44 -12.74
N THR A 78 -5.00 8.03 -14.00
CA THR A 78 -4.40 8.89 -14.98
C THR A 78 -5.05 10.16 -14.71
N PRO A 79 -6.38 10.12 -14.74
CA PRO A 79 -7.17 11.34 -14.53
C PRO A 79 -6.81 11.97 -13.20
N VAL A 80 -6.58 11.19 -12.14
CA VAL A 80 -6.19 11.87 -10.91
C VAL A 80 -4.81 12.55 -10.75
N PHE A 81 -3.72 11.93 -11.19
CA PHE A 81 -2.40 12.51 -10.85
C PHE A 81 -1.97 13.82 -11.49
N GLY A 82 -2.20 13.83 -12.78
CA GLY A 82 -1.91 14.88 -13.75
C GLY A 82 -1.93 14.35 -15.18
N GLU A 83 -1.98 15.28 -16.14
CA GLU A 83 -1.99 14.91 -17.55
C GLU A 83 -0.61 14.45 -18.02
N GLY A 84 -0.59 13.41 -18.85
CA GLY A 84 0.67 12.89 -19.38
C GLY A 84 1.61 12.36 -18.33
N VAL A 85 1.10 11.74 -17.29
CA VAL A 85 1.97 11.18 -16.27
C VAL A 85 2.31 9.74 -16.54
N ALA A 86 2.69 9.02 -15.49
CA ALA A 86 3.06 7.63 -15.67
C ALA A 86 1.83 6.94 -16.20
N TYR A 87 2.04 6.13 -17.22
CA TYR A 87 0.98 5.40 -17.86
C TYR A 87 0.33 6.45 -18.69
N ALA A 88 0.82 7.66 -18.46
CA ALA A 88 0.36 8.87 -19.08
C ALA A 88 1.51 9.40 -19.87
N ALA A 89 2.51 8.56 -20.09
CA ALA A 89 3.69 8.98 -20.81
C ALA A 89 4.37 7.83 -21.54
N PRO A 90 5.24 8.17 -22.47
CA PRO A 90 5.97 7.14 -23.18
C PRO A 90 6.87 6.36 -22.22
N TYR A 91 6.90 5.04 -22.37
CA TYR A 91 7.66 4.18 -21.46
C TYR A 91 9.08 4.69 -21.23
N PRO A 92 9.79 5.05 -22.32
CA PRO A 92 11.14 5.60 -22.17
C PRO A 92 11.14 6.79 -21.22
N ARG A 93 10.11 7.63 -21.28
CA ARG A 93 10.01 8.80 -20.42
C ARG A 93 9.56 8.41 -19.02
N MET A 94 8.60 7.51 -18.93
CA MET A 94 8.11 7.12 -17.63
C MET A 94 9.18 6.43 -16.83
N ARG A 95 9.92 5.56 -17.48
CA ARG A 95 10.85 4.74 -16.76
C ARG A 95 11.81 5.68 -16.07
N GLU A 96 12.15 6.72 -16.77
CA GLU A 96 13.10 7.69 -16.24
C GLU A 96 12.64 8.27 -14.89
N GLN A 97 11.37 8.68 -14.83
CA GLN A 97 10.84 9.35 -13.64
C GLN A 97 10.82 8.47 -12.40
N LEU A 98 10.50 7.19 -12.58
CA LEU A 98 10.48 6.26 -11.45
C LEU A 98 11.77 6.32 -10.65
N ASN A 99 12.87 6.49 -11.37
CA ASN A 99 14.20 6.44 -10.76
C ASN A 99 14.51 7.62 -9.83
N PHE A 100 14.08 8.82 -10.21
CA PHE A 100 14.33 9.99 -9.37
C PHE A 100 13.61 9.81 -8.04
N LEU A 101 12.37 9.34 -8.11
CA LEU A 101 11.56 9.13 -6.92
C LEU A 101 12.18 8.05 -6.02
N ALA A 102 12.67 6.98 -6.64
CA ALA A 102 13.25 5.86 -5.90
C ALA A 102 14.48 6.27 -5.10
N GLU A 103 15.28 7.16 -5.67
CA GLU A 103 16.51 7.61 -5.00
C GLU A 103 16.21 8.40 -3.73
N GLU A 104 15.07 9.05 -3.74
CA GLU A 104 14.65 9.83 -2.61
C GLU A 104 14.42 8.91 -1.45
N LEU A 105 13.85 7.77 -1.74
CA LEU A 105 13.61 6.83 -0.67
C LEU A 105 14.67 5.78 -0.69
N THR A 106 15.65 5.93 0.17
CA THR A 106 16.68 4.92 0.32
C THR A 106 17.22 4.88 1.74
N ILE A 107 17.91 3.79 2.07
CA ILE A 107 18.55 3.64 3.38
C ILE A 107 19.53 4.79 3.65
N ALA A 108 20.12 5.32 2.58
CA ALA A 108 21.11 6.39 2.70
C ALA A 108 20.53 7.69 3.27
N LYS A 109 19.21 7.76 3.39
CA LYS A 109 18.57 8.99 3.87
C LYS A 109 17.70 8.79 5.12
N PHE A 110 17.75 7.59 5.67
CA PHE A 110 16.95 7.27 6.86
C PHE A 110 17.60 7.75 8.15
N GLN A 111 18.79 8.34 8.03
CA GLN A 111 19.58 8.68 9.21
C GLN A 111 18.83 9.48 10.28
N ASN A 112 18.04 10.47 9.86
CA ASN A 112 17.37 11.36 10.81
C ASN A 112 15.86 11.17 10.95
N PHE A 113 15.34 10.11 10.35
CA PHE A 113 13.90 9.87 10.36
C PHE A 113 13.39 9.33 11.70
N VAL A 114 14.16 8.44 12.32
CA VAL A 114 13.70 7.72 13.52
C VAL A 114 13.19 8.67 14.61
N PRO A 115 14.09 9.46 15.22
CA PRO A 115 13.74 10.35 16.33
C PRO A 115 12.57 11.29 16.01
N ALA A 116 12.37 11.59 14.74
CA ALA A 116 11.27 12.46 14.32
C ALA A 116 9.94 11.73 14.46
N ILE A 117 9.94 10.44 14.16
CA ILE A 117 8.74 9.65 14.27
C ILE A 117 8.27 9.54 15.72
N GLN A 118 9.19 9.26 16.64
CA GLN A 118 8.84 9.14 18.05
C GLN A 118 8.14 10.39 18.59
N HIS A 119 8.64 11.56 18.21
CA HIS A 119 8.07 12.82 18.68
C HIS A 119 6.60 12.96 18.31
N GLU A 120 6.28 12.76 17.04
CA GLU A 120 4.90 12.92 16.56
C GLU A 120 3.93 11.97 17.26
N VAL A 121 4.33 10.72 17.40
CA VAL A 121 3.47 9.72 18.02
C VAL A 121 3.26 10.00 19.50
N ARG A 122 4.28 10.56 20.15
CA ARG A 122 4.17 10.91 21.56
C ARG A 122 3.34 12.17 21.78
N LYS A 123 3.48 13.13 20.87
CA LYS A 123 2.68 14.35 20.94
C LYS A 123 1.19 14.02 20.85
N PHE A 124 0.81 13.33 19.79
CA PHE A 124 -0.58 12.92 19.59
C PHE A 124 -1.09 12.06 20.75
N MET A 125 -0.28 11.07 21.14
CA MET A 125 -0.68 10.12 22.16
C MET A 125 -1.03 10.77 23.49
N ALA A 126 -0.21 11.72 23.93
CA ALA A 126 -0.36 12.34 25.25
C ALA A 126 -1.53 13.32 25.34
N GLU A 127 -2.10 13.69 24.19
CA GLU A 127 -3.22 14.63 24.19
C GLU A 127 -4.54 13.95 23.87
N ASN A 128 -4.49 12.98 22.95
CA ASN A 128 -5.70 12.30 22.50
C ASN A 128 -6.24 11.30 23.51
N TRP A 129 -5.36 10.52 24.12
CA TRP A 129 -5.73 9.66 25.23
C TRP A 129 -5.15 10.23 26.51
N LYS A 130 -6.01 10.61 27.45
CA LYS A 130 -5.53 11.21 28.69
C LYS A 130 -6.00 10.50 29.96
N GLU A 131 -7.20 9.93 29.92
CA GLU A 131 -7.74 9.23 31.09
C GLU A 131 -6.99 7.93 31.35
N ASP A 132 -7.11 7.41 32.57
CA ASP A 132 -6.47 6.14 32.93
C ASP A 132 -7.16 4.97 32.23
N GLU A 133 -8.45 5.14 31.94
CA GLU A 133 -9.22 4.13 31.23
C GLU A 133 -10.13 4.79 30.19
N GLY A 134 -9.99 4.38 28.94
CA GLY A 134 -10.74 5.00 27.86
C GLY A 134 -11.16 4.07 26.73
N VAL A 135 -12.07 4.56 25.89
CA VAL A 135 -12.56 3.79 24.75
C VAL A 135 -12.28 4.52 23.44
N ILE A 136 -11.42 3.94 22.61
CA ILE A 136 -11.06 4.56 21.32
C ILE A 136 -11.22 3.58 20.16
N ASN A 137 -11.34 4.13 18.95
CA ASN A 137 -11.43 3.31 17.74
C ASN A 137 -10.08 3.19 17.05
N LEU A 138 -9.49 2.02 17.10
CA LEU A 138 -8.13 1.81 16.61
C LEU A 138 -7.96 2.24 15.15
N LEU A 139 -8.84 1.75 14.27
CA LEU A 139 -8.72 2.00 12.84
C LEU A 139 -8.71 3.48 12.50
N GLU A 140 -9.42 4.28 13.29
CA GLU A 140 -9.50 5.72 13.06
C GLU A 140 -8.28 6.43 13.66
N ASP A 141 -7.64 5.78 14.62
CA ASP A 141 -6.52 6.38 15.33
C ASP A 141 -5.17 6.06 14.70
N CYS A 142 -5.11 4.99 13.91
CA CYS A 142 -3.88 4.65 13.21
C CYS A 142 -3.74 5.48 11.95
N GLY A 143 -4.86 6.02 11.47
CA GLY A 143 -4.87 6.84 10.25
C GLY A 143 -4.36 8.24 10.50
N ALA A 144 -4.56 8.75 11.70
CA ALA A 144 -4.10 10.09 12.05
C ALA A 144 -2.59 10.11 12.29
N MET A 145 -2.08 9.03 12.88
CA MET A 145 -0.67 8.94 13.22
C MET A 145 0.19 8.70 11.98
N ILE A 146 -0.36 7.97 11.02
CA ILE A 146 0.35 7.67 9.77
C ILE A 146 0.55 8.94 8.95
N ILE A 147 -0.49 9.77 8.87
CA ILE A 147 -0.41 10.98 8.08
C ILE A 147 0.53 12.02 8.71
N ASN A 148 0.30 12.32 9.98
CA ASN A 148 1.10 13.31 10.69
C ASN A 148 2.57 12.93 10.83
N THR A 149 2.87 11.65 10.62
CA THR A 149 4.21 11.14 10.86
C THR A 149 5.11 11.24 9.61
N ALA A 150 4.52 11.01 8.46
CA ALA A 150 5.28 11.06 7.24
C ALA A 150 5.82 12.44 7.00
N CYS A 151 4.98 13.43 7.24
CA CYS A 151 5.34 14.81 6.98
C CYS A 151 6.51 15.20 7.82
N GLN A 152 6.57 14.71 9.03
CA GLN A 152 7.71 15.06 9.82
C GLN A 152 8.86 14.54 9.00
N CYS A 153 8.72 13.38 8.42
CA CYS A 153 9.82 12.89 7.63
C CYS A 153 10.18 13.57 6.30
N LEU A 154 9.22 13.98 5.50
CA LEU A 154 9.60 14.46 4.16
C LEU A 154 9.35 15.90 3.75
N PHE A 155 8.65 16.65 4.59
CA PHE A 155 8.34 18.05 4.33
C PHE A 155 9.24 19.02 5.09
N GLY A 156 9.60 20.13 4.45
CA GLY A 156 10.48 21.12 5.05
C GLY A 156 9.78 21.99 6.08
N GLU A 157 10.56 22.52 7.01
CA GLU A 157 10.03 23.39 8.07
C GLU A 157 9.12 24.48 7.51
N ASP A 158 9.52 25.04 6.37
CA ASP A 158 8.78 26.16 5.78
C ASP A 158 7.55 25.71 5.00
N LEU A 159 7.53 24.45 4.59
CA LEU A 159 6.42 23.91 3.82
C LEU A 159 5.26 23.45 4.72
N ARG A 160 5.59 23.17 5.97
CA ARG A 160 4.58 22.75 6.95
C ARG A 160 3.82 23.96 7.48
N LYS A 161 4.41 25.14 7.35
CA LYS A 161 3.77 26.38 7.83
C LYS A 161 2.56 26.74 6.96
N ARG A 162 2.70 26.55 5.66
CA ARG A 162 1.65 26.87 4.70
C ARG A 162 0.66 25.72 4.52
N LEU A 163 1.09 24.56 4.98
CA LEU A 163 0.24 23.40 4.99
C LEU A 163 0.42 22.66 6.30
N ASN A 164 -0.64 22.56 7.07
CA ASN A 164 -0.66 21.68 8.24
C ASN A 164 -0.92 20.23 7.83
N ALA A 165 -0.71 19.31 8.76
CA ALA A 165 -0.93 17.88 8.50
C ALA A 165 -2.41 17.57 8.32
N ARG A 166 -3.20 17.94 9.32
CA ARG A 166 -4.64 17.74 9.32
C ARG A 166 -5.27 18.15 7.98
N HIS A 167 -5.16 19.43 7.66
CA HIS A 167 -5.74 20.00 6.44
C HIS A 167 -5.39 19.19 5.19
N PHE A 168 -4.13 18.80 5.05
CA PHE A 168 -3.68 18.10 3.87
C PHE A 168 -4.44 16.79 3.66
N ALA A 169 -4.64 16.04 4.74
CA ALA A 169 -5.32 14.76 4.67
C ALA A 169 -6.72 14.91 4.07
N GLN A 170 -7.39 16.00 4.42
CA GLN A 170 -8.71 16.30 3.86
C GLN A 170 -8.62 16.47 2.34
N LEU A 171 -7.59 17.18 1.89
CA LEU A 171 -7.39 17.42 0.46
C LEU A 171 -7.29 16.12 -0.33
N LEU A 172 -6.63 15.12 0.23
CA LEU A 172 -6.48 13.84 -0.44
C LEU A 172 -7.81 13.10 -0.53
N SER A 173 -8.67 13.30 0.45
CA SER A 173 -9.93 12.58 0.49
C SER A 173 -10.80 12.91 -0.70
N LYS A 174 -10.85 14.17 -1.07
CA LYS A 174 -11.72 14.56 -2.14
C LYS A 174 -11.31 13.90 -3.42
N MET A 175 -10.03 13.77 -3.65
CA MET A 175 -9.57 13.12 -4.86
C MET A 175 -10.03 11.66 -4.90
N GLU A 176 -10.00 11.01 -3.74
CA GLU A 176 -10.37 9.61 -3.68
C GLU A 176 -11.81 9.35 -4.07
N SER A 177 -12.70 10.23 -3.66
CA SER A 177 -14.12 9.97 -3.85
C SER A 177 -14.37 9.90 -5.33
N SER A 178 -13.44 10.43 -6.08
CA SER A 178 -13.57 10.36 -7.51
C SER A 178 -13.57 8.89 -7.90
N LEU A 179 -13.01 8.03 -7.06
CA LEU A 179 -12.97 6.64 -7.45
C LEU A 179 -14.34 6.09 -7.75
N ILE A 180 -14.42 5.36 -8.85
CA ILE A 180 -15.67 4.78 -9.27
C ILE A 180 -15.66 3.29 -9.12
N PRO A 181 -16.55 2.79 -8.30
CA PRO A 181 -16.68 1.35 -8.11
C PRO A 181 -17.61 0.81 -9.17
N ALA A 182 -17.26 -0.31 -9.78
CA ALA A 182 -18.12 -0.92 -10.76
C ALA A 182 -17.92 -0.28 -12.12
N ALA A 183 -16.95 0.62 -12.21
CA ALA A 183 -16.69 1.28 -13.47
C ALA A 183 -15.80 0.35 -14.26
N VAL A 184 -16.37 -0.78 -14.66
CA VAL A 184 -15.66 -1.80 -15.42
C VAL A 184 -15.33 -1.40 -16.83
N PHE A 185 -14.17 -1.83 -17.29
CA PHE A 185 -13.77 -1.50 -18.63
C PHE A 185 -14.85 -2.13 -19.46
N MET A 186 -15.39 -1.34 -20.37
CA MET A 186 -15.01 0.06 -20.48
C MET A 186 -16.25 0.92 -20.26
N PRO A 187 -16.07 2.14 -19.73
CA PRO A 187 -17.16 3.02 -19.35
C PRO A 187 -18.52 2.46 -19.77
N LEU A 192 -13.10 10.27 -18.77
CA LEU A 192 -14.33 11.01 -18.48
C LEU A 192 -14.35 11.51 -17.04
N PRO A 193 -14.19 12.83 -16.84
CA PRO A 193 -14.22 13.44 -15.52
C PRO A 193 -15.62 13.98 -15.18
N LEU A 194 -16.25 13.31 -14.21
CA LEU A 194 -17.56 13.62 -13.64
C LEU A 194 -17.55 14.65 -12.49
N PRO A 195 -18.74 15.06 -12.04
CA PRO A 195 -18.86 16.08 -11.00
C PRO A 195 -17.93 15.80 -9.82
N GLN A 196 -17.81 14.53 -9.43
CA GLN A 196 -16.87 14.13 -8.39
C GLN A 196 -15.45 14.35 -8.89
N SER A 197 -15.29 14.35 -10.21
CA SER A 197 -14.01 14.66 -10.82
C SER A 197 -13.81 16.17 -10.86
N ALA A 198 -14.91 16.91 -10.78
CA ALA A 198 -14.86 18.37 -10.74
C ALA A 198 -14.22 18.85 -9.44
N ARG A 199 -14.52 18.16 -8.35
CA ARG A 199 -13.87 18.43 -7.08
C ARG A 199 -12.39 18.08 -7.17
N CYS A 200 -12.11 16.91 -7.75
CA CYS A 200 -10.74 16.46 -7.95
C CYS A 200 -9.95 17.48 -8.74
N ARG A 201 -10.60 18.10 -9.72
CA ARG A 201 -9.99 19.15 -10.50
C ARG A 201 -9.56 20.31 -9.61
N GLU A 202 -10.48 20.74 -8.75
CA GLU A 202 -10.23 21.87 -7.85
C GLU A 202 -9.10 21.59 -6.87
N ALA A 203 -9.15 20.43 -6.22
CA ALA A 203 -8.19 20.08 -5.18
C ALA A 203 -6.73 20.27 -5.59
N ARG A 204 -6.38 19.78 -6.78
CA ARG A 204 -5.01 19.86 -7.29
C ARG A 204 -4.59 21.29 -7.57
N ALA A 205 -5.51 22.08 -8.12
CA ALA A 205 -5.24 23.48 -8.41
C ALA A 205 -4.86 24.24 -7.15
N GLU A 206 -5.59 24.00 -6.07
CA GLU A 206 -5.32 24.61 -4.78
C GLU A 206 -3.98 24.13 -4.23
N LEU A 207 -3.62 22.89 -4.56
CA LEU A 207 -2.35 22.32 -4.12
C LEU A 207 -1.23 22.82 -5.03
N GLN A 208 -1.57 23.05 -6.29
CA GLN A 208 -0.60 23.54 -7.26
C GLN A 208 -0.21 24.98 -6.96
N LYS A 209 -1.20 25.80 -6.62
CA LYS A 209 -0.97 27.20 -6.30
C LYS A 209 -0.04 27.38 -5.10
N ILE A 210 -0.39 26.72 -3.99
CA ILE A 210 0.35 26.86 -2.75
C ILE A 210 1.84 26.52 -2.90
N LEU A 211 2.15 25.62 -3.83
CA LEU A 211 3.53 25.22 -4.07
C LEU A 211 4.40 26.37 -4.55
N GLY A 212 3.84 27.20 -5.44
CA GLY A 212 4.57 28.33 -6.00
C GLY A 212 5.07 29.32 -4.97
N GLU A 213 4.24 29.61 -3.98
CA GLU A 213 4.59 30.59 -2.94
C GLU A 213 5.77 30.14 -2.09
N ILE A 214 5.87 28.84 -1.83
CA ILE A 214 6.96 28.30 -1.02
C ILE A 214 8.28 28.33 -1.76
N ILE A 215 8.21 28.36 -3.09
CA ILE A 215 9.39 28.34 -3.93
C ILE A 215 10.10 29.71 -3.95
N VAL A 216 9.34 30.76 -4.17
CA VAL A 216 9.88 32.11 -4.24
C VAL A 216 10.69 32.49 -3.00
N ALA A 217 10.10 32.26 -1.83
CA ALA A 217 10.76 32.60 -0.57
C ALA A 217 11.93 31.65 -0.27
N ARG A 218 11.89 30.47 -0.88
CA ARG A 218 12.96 29.48 -0.66
C ARG A 218 14.18 29.78 -1.54
N GLU A 219 13.94 30.29 -2.74
CA GLU A 219 15.02 30.58 -3.67
C GLU A 219 15.99 31.66 -3.18
N LYS A 220 15.45 32.73 -2.62
CA LYS A 220 16.31 33.78 -2.11
C LYS A 220 17.16 33.21 -0.99
N GLU A 221 16.52 32.43 -0.12
CA GLU A 221 17.21 31.66 0.89
C GLU A 221 18.07 30.57 0.26
N GLU A 222 17.55 29.94 -0.78
CA GLU A 222 18.30 28.93 -1.50
C GLU A 222 19.51 29.68 -2.03
N ALA A 223 19.25 30.90 -2.47
CA ALA A 223 20.30 31.87 -2.74
C ALA A 223 20.83 32.22 -1.36
N SER A 224 22.10 32.63 -1.32
CA SER A 224 22.77 32.90 -0.06
C SER A 224 23.33 31.61 0.53
N LYS A 225 23.20 30.51 -0.21
CA LYS A 225 23.72 29.23 0.23
C LYS A 225 23.05 28.72 1.49
N ASP A 226 21.72 28.65 1.48
CA ASP A 226 21.03 28.25 2.69
C ASP A 226 21.58 26.92 3.17
N ASN A 227 21.88 26.87 4.46
CA ASN A 227 22.55 25.71 5.06
C ASN A 227 21.74 24.42 5.03
N ASN A 228 20.44 24.52 5.31
CA ASN A 228 19.63 23.33 5.50
C ASN A 228 19.33 22.53 4.23
N THR A 229 18.61 23.13 3.29
CA THR A 229 18.20 22.43 2.08
C THR A 229 17.55 21.08 2.40
N SER A 230 17.98 20.04 1.70
CA SER A 230 17.66 18.65 2.06
C SER A 230 16.23 18.16 1.74
N ASP A 231 15.38 19.06 1.24
CA ASP A 231 14.02 18.67 0.91
C ASP A 231 14.00 17.66 -0.24
N LEU A 232 13.10 16.71 -0.16
CA LEU A 232 13.04 15.75 -1.22
C LEU A 232 12.68 16.55 -2.43
N LEU A 233 11.77 17.48 -2.25
CA LEU A 233 11.34 18.27 -3.37
C LEU A 233 12.53 19.00 -3.91
N GLY A 234 13.38 19.50 -3.04
CA GLY A 234 14.50 20.22 -3.55
C GLY A 234 15.27 19.25 -4.40
N GLY A 235 15.50 18.06 -3.87
CA GLY A 235 16.21 17.06 -4.65
C GLY A 235 15.53 16.88 -5.99
N LEU A 236 14.20 16.98 -5.99
CA LEU A 236 13.41 16.84 -7.20
C LEU A 236 13.63 18.01 -8.17
N LEU A 237 13.91 19.20 -7.62
CA LEU A 237 14.13 20.39 -8.43
C LEU A 237 15.39 20.24 -9.29
N LYS A 238 16.41 19.64 -8.71
CA LYS A 238 17.71 19.48 -9.37
C LYS A 238 17.64 18.50 -10.54
N ALA A 239 16.82 17.46 -10.38
CA ALA A 239 16.70 16.42 -11.40
C ALA A 239 16.73 16.97 -12.81
N VAL A 240 17.51 16.32 -13.68
CA VAL A 240 17.64 16.72 -15.07
C VAL A 240 17.23 15.59 -16.01
N TYR A 241 16.31 15.90 -16.93
CA TYR A 241 15.87 14.90 -17.91
C TYR A 241 17.04 14.49 -18.79
N ARG A 242 16.96 13.27 -19.34
CA ARG A 242 18.07 12.70 -20.09
C ARG A 242 18.52 13.55 -21.28
N ASP A 243 17.54 14.08 -22.02
CA ASP A 243 17.84 14.91 -23.17
C ASP A 243 18.58 16.18 -22.75
N GLY A 244 18.21 16.71 -21.59
CA GLY A 244 18.85 17.91 -21.06
C GLY A 244 17.87 19.00 -20.65
N THR A 245 16.76 18.61 -20.04
CA THR A 245 15.76 19.57 -19.59
C THR A 245 15.37 19.35 -18.12
N ARG A 246 14.91 20.40 -17.47
CA ARG A 246 14.53 20.33 -16.06
C ARG A 246 13.02 20.12 -15.90
N MET A 247 12.59 19.67 -14.71
CA MET A 247 11.19 19.35 -14.46
C MET A 247 10.29 20.59 -14.35
N SER A 248 9.05 20.45 -14.82
CA SER A 248 8.07 21.53 -14.73
C SER A 248 7.26 21.40 -13.44
N LEU A 249 6.70 22.51 -12.98
CA LEU A 249 5.88 22.52 -11.78
C LEU A 249 4.83 21.42 -11.84
N HIS A 250 4.14 21.34 -12.97
CA HIS A 250 3.09 20.36 -13.19
C HIS A 250 3.52 18.97 -12.73
N GLU A 251 4.64 18.49 -13.25
CA GLU A 251 5.13 17.15 -12.97
C GLU A 251 5.50 16.96 -11.50
N VAL A 252 6.32 17.87 -10.97
CA VAL A 252 6.73 17.81 -9.58
C VAL A 252 5.50 17.64 -8.69
N CYS A 253 4.52 18.52 -8.91
CA CYS A 253 3.26 18.46 -8.16
C CYS A 253 2.69 17.05 -8.22
N GLY A 254 2.71 16.45 -9.40
CA GLY A 254 2.18 15.11 -9.60
C GLY A 254 2.92 14.06 -8.77
N MET A 255 4.24 14.04 -8.89
CA MET A 255 5.06 13.07 -8.17
C MET A 255 4.80 13.10 -6.66
N ILE A 256 4.76 14.31 -6.10
CA ILE A 256 4.56 14.48 -4.67
C ILE A 256 3.25 13.85 -4.20
N VAL A 257 2.16 14.18 -4.90
CA VAL A 257 0.86 13.58 -4.60
C VAL A 257 0.92 12.06 -4.64
N ALA A 258 1.57 11.52 -5.69
CA ALA A 258 1.73 10.09 -5.83
C ALA A 258 2.29 9.48 -4.55
N ALA A 259 3.43 9.99 -4.11
CA ALA A 259 4.06 9.51 -2.89
C ALA A 259 3.06 9.45 -1.73
N MET A 260 2.36 10.56 -1.51
CA MET A 260 1.44 10.67 -0.38
C MET A 260 0.19 9.82 -0.53
N PHE A 261 -0.30 9.71 -1.77
CA PHE A 261 -1.52 8.96 -2.03
C PHE A 261 -1.36 7.47 -1.77
N ALA A 262 -0.19 6.92 -2.12
CA ALA A 262 0.03 5.48 -2.02
C ALA A 262 0.20 4.99 -0.58
N GLY A 263 0.89 5.78 0.24
CA GLY A 263 1.29 5.35 1.57
C GLY A 263 0.22 5.19 2.64
N GLN A 264 -0.69 6.16 2.73
CA GLN A 264 -1.64 6.27 3.84
C GLN A 264 -2.51 5.03 4.11
N HIS A 265 -3.34 4.66 3.14
CA HIS A 265 -4.27 3.55 3.33
C HIS A 265 -3.58 2.24 3.68
N THR A 266 -2.62 1.84 2.85
CA THR A 266 -1.98 0.53 2.98
C THR A 266 -1.23 0.35 4.30
N SER A 267 -0.50 1.36 4.72
CA SER A 267 0.24 1.28 5.97
C SER A 267 -0.69 1.20 7.17
N THR A 268 -1.73 2.03 7.17
CA THR A 268 -2.71 2.08 8.25
C THR A 268 -3.31 0.71 8.52
N ILE A 269 -3.89 0.12 7.48
CA ILE A 269 -4.45 -1.22 7.56
C ILE A 269 -3.43 -2.20 8.14
N THR A 270 -2.23 -2.20 7.57
CA THR A 270 -1.16 -3.07 8.04
C THR A 270 -0.90 -2.93 9.54
N THR A 271 -0.90 -1.68 10.01
CA THR A 271 -0.69 -1.39 11.42
C THR A 271 -1.85 -1.91 12.26
N SER A 272 -3.07 -1.68 11.77
CA SER A 272 -4.27 -2.08 12.48
C SER A 272 -4.34 -3.58 12.73
N TRP A 273 -4.15 -4.36 11.66
CA TRP A 273 -4.21 -5.81 11.77
C TRP A 273 -3.19 -6.32 12.80
N SER A 274 -2.02 -5.70 12.81
CA SER A 274 -0.90 -6.14 13.65
C SER A 274 -1.16 -5.99 15.13
N MET A 275 -1.93 -4.97 15.50
CA MET A 275 -2.20 -4.74 16.91
C MET A 275 -3.32 -5.61 17.44
N LEU A 276 -4.24 -5.99 16.55
CA LEU A 276 -5.35 -6.85 16.91
C LEU A 276 -4.86 -8.26 17.27
N HIS A 277 -4.27 -8.93 16.29
CA HIS A 277 -3.70 -10.26 16.51
C HIS A 277 -2.92 -10.32 17.82
N LEU A 278 -2.29 -9.19 18.16
CA LEU A 278 -1.29 -9.17 19.22
C LEU A 278 -1.89 -8.93 20.60
N MET A 279 -3.15 -8.53 20.67
CA MET A 279 -3.78 -8.23 21.96
C MET A 279 -4.85 -9.23 22.38
N HIS A 280 -4.70 -10.47 21.97
CA HIS A 280 -5.71 -11.51 22.16
C HIS A 280 -5.21 -12.63 23.05
N PRO A 281 -6.00 -13.00 24.07
CA PRO A 281 -5.66 -14.05 25.02
C PRO A 281 -4.94 -15.23 24.37
N LYS A 282 -5.33 -15.56 23.13
CA LYS A 282 -4.69 -16.67 22.41
C LYS A 282 -3.24 -16.36 22.10
N ASN A 283 -3.04 -15.27 21.39
CA ASN A 283 -1.70 -14.88 21.02
C ASN A 283 -1.08 -14.19 22.19
N LYS A 284 -0.86 -14.96 23.24
CA LYS A 284 -0.18 -14.48 24.43
C LYS A 284 1.28 -14.96 24.42
N LYS A 285 1.47 -16.23 24.06
CA LYS A 285 2.80 -16.81 23.94
C LYS A 285 3.78 -15.87 23.26
N TRP A 286 3.33 -15.24 22.17
CA TRP A 286 4.21 -14.39 21.37
C TRP A 286 4.26 -12.93 21.84
N LEU A 287 3.39 -12.57 22.77
CA LEU A 287 3.38 -11.22 23.30
C LEU A 287 4.57 -10.98 24.21
N ASP A 288 4.96 -12.01 24.96
CA ASP A 288 6.11 -11.93 25.83
C ASP A 288 7.37 -11.82 24.99
N LYS A 289 7.45 -12.65 23.96
CA LYS A 289 8.61 -12.68 23.07
C LYS A 289 8.94 -11.28 22.57
N LEU A 290 7.92 -10.43 22.46
CA LEU A 290 8.11 -9.06 21.99
C LEU A 290 8.78 -8.20 23.05
N HIS A 291 8.30 -8.32 24.29
CA HIS A 291 8.88 -7.59 25.40
C HIS A 291 10.32 -8.02 25.64
N LYS A 292 10.62 -9.26 25.29
CA LYS A 292 11.97 -9.81 25.41
C LYS A 292 12.91 -9.15 24.42
N GLU A 293 12.38 -8.23 23.62
CA GLU A 293 13.17 -7.60 22.55
C GLU A 293 13.11 -6.08 22.62
N ILE A 294 12.28 -5.54 23.51
CA ILE A 294 12.09 -4.10 23.58
C ILE A 294 12.33 -3.53 24.98
N ASP A 295 12.89 -4.35 25.86
CA ASP A 295 13.15 -3.92 27.24
C ASP A 295 14.64 -3.67 27.50
N GLU A 296 15.40 -3.51 26.43
CA GLU A 296 16.84 -3.23 26.52
C GLU A 296 17.18 -1.81 26.08
N PHE A 297 16.46 -1.33 25.06
CA PHE A 297 16.69 0.01 24.54
C PHE A 297 16.31 1.08 25.56
N PRO A 298 16.87 2.29 25.40
CA PRO A 298 16.48 3.44 26.21
C PRO A 298 15.16 4.03 25.73
N ALA A 299 14.72 5.11 26.35
CA ALA A 299 13.47 5.77 25.98
C ALA A 299 13.59 6.51 24.65
N GLN A 300 14.80 6.57 24.12
CA GLN A 300 15.05 7.26 22.85
C GLN A 300 15.76 6.33 21.85
N LEU A 301 15.00 5.80 20.91
CA LEU A 301 15.55 4.88 19.91
C LEU A 301 16.41 5.61 18.88
N ASN A 302 17.36 4.88 18.30
CA ASN A 302 18.18 5.41 17.21
C ASN A 302 18.22 4.45 16.01
N TYR A 303 18.68 4.94 14.87
CA TYR A 303 18.62 4.18 13.63
C TYR A 303 19.07 2.71 13.76
N ASP A 304 20.12 2.49 14.54
CA ASP A 304 20.73 1.16 14.65
C ASP A 304 19.79 0.09 15.20
N ASN A 305 19.27 0.30 16.40
CA ASN A 305 18.47 -0.72 17.08
C ASN A 305 17.18 -1.13 16.35
N VAL A 306 16.71 -0.28 15.44
CA VAL A 306 15.49 -0.58 14.69
C VAL A 306 15.77 -1.31 13.38
N MET A 307 16.86 -0.96 12.73
CA MET A 307 17.28 -1.67 11.54
C MET A 307 17.86 -3.06 11.76
N ASP A 308 18.69 -3.23 12.78
CA ASP A 308 19.33 -4.53 12.97
C ASP A 308 19.08 -5.27 14.26
N GLU A 309 18.63 -4.57 15.29
CA GLU A 309 18.35 -5.21 16.57
C GLU A 309 16.86 -5.47 16.81
N MET A 310 16.07 -5.53 15.74
CA MET A 310 14.66 -5.85 15.89
C MET A 310 14.24 -6.86 14.83
N PRO A 311 14.83 -8.03 14.84
CA PRO A 311 14.50 -9.03 13.84
C PRO A 311 13.10 -9.63 13.89
N PHE A 312 12.67 -10.09 15.07
CA PHE A 312 11.35 -10.74 15.23
C PHE A 312 10.15 -9.84 14.93
N ALA A 313 10.15 -8.62 15.46
CA ALA A 313 9.12 -7.65 15.12
C ALA A 313 8.81 -7.68 13.63
N GLU A 314 9.86 -7.86 12.81
CA GLU A 314 9.70 -7.88 11.36
C GLU A 314 8.96 -9.15 10.91
N ARG A 315 9.06 -10.20 11.72
CA ARG A 315 8.37 -11.44 11.41
C ARG A 315 6.87 -11.34 11.68
N CYS A 316 6.47 -10.37 12.47
CA CYS A 316 5.05 -10.20 12.74
C CYS A 316 4.35 -9.42 11.65
N VAL A 317 4.97 -8.34 11.24
CA VAL A 317 4.40 -7.51 10.18
C VAL A 317 4.19 -8.32 8.89
N ARG A 318 5.09 -9.26 8.64
CA ARG A 318 5.01 -10.10 7.44
C ARG A 318 3.78 -11.01 7.46
N GLU A 319 3.62 -11.78 8.53
CA GLU A 319 2.53 -12.74 8.60
C GLU A 319 1.18 -12.05 8.44
N SER A 320 1.06 -10.84 9.00
CA SER A 320 -0.17 -10.07 8.89
C SER A 320 -0.52 -9.82 7.42
N ILE A 321 0.41 -9.22 6.69
CA ILE A 321 0.20 -8.98 5.26
C ILE A 321 -0.12 -10.27 4.52
N ARG A 322 0.59 -11.35 4.86
CA ARG A 322 0.44 -12.62 4.17
C ARG A 322 -0.99 -13.19 4.27
N ARG A 323 -1.55 -13.10 5.48
CA ARG A 323 -2.86 -13.67 5.77
C ARG A 323 -4.00 -12.82 5.20
N ASP A 324 -3.92 -11.50 5.37
CA ASP A 324 -4.95 -10.60 4.87
C ASP A 324 -4.35 -9.47 4.04
N PRO A 325 -4.06 -9.75 2.76
CA PRO A 325 -3.43 -8.78 1.87
C PRO A 325 -4.35 -7.62 1.52
N PRO A 326 -3.85 -6.39 1.68
CA PRO A 326 -4.55 -5.13 1.41
C PRO A 326 -5.01 -5.02 -0.05
N LEU A 327 -4.24 -5.57 -0.96
CA LEU A 327 -4.57 -5.41 -2.36
C LEU A 327 -5.10 -6.69 -2.97
N LEU A 328 -6.32 -6.65 -3.49
CA LEU A 328 -6.92 -7.86 -4.02
C LEU A 328 -6.23 -8.49 -5.21
N MET A 329 -5.87 -7.73 -6.23
CA MET A 329 -5.17 -8.34 -7.34
C MET A 329 -4.55 -7.40 -8.34
N VAL A 330 -3.53 -7.86 -9.06
CA VAL A 330 -2.92 -7.07 -10.12
C VAL A 330 -3.28 -7.59 -11.51
N MET A 331 -3.27 -6.70 -12.50
CA MET A 331 -3.71 -7.05 -13.84
C MET A 331 -2.83 -6.44 -14.94
N ARG A 332 -3.00 -6.94 -16.16
CA ARG A 332 -2.26 -6.43 -17.32
C ARG A 332 -2.85 -6.96 -18.64
N MET A 333 -2.61 -6.23 -19.73
CA MET A 333 -3.10 -6.61 -21.04
C MET A 333 -2.08 -7.45 -21.80
N VAL A 334 -2.56 -8.29 -22.72
CA VAL A 334 -1.70 -9.19 -23.48
C VAL A 334 -1.51 -8.72 -24.91
N LYS A 335 -0.43 -7.98 -25.16
CA LYS A 335 -0.16 -7.44 -26.49
C LYS A 335 0.31 -8.54 -27.44
N ALA A 336 0.79 -9.64 -26.88
CA ALA A 336 1.23 -10.80 -27.67
C ALA A 336 1.00 -12.08 -26.89
N GLU A 337 0.82 -13.18 -27.60
CA GLU A 337 0.60 -14.48 -26.98
C GLU A 337 1.73 -14.81 -26.02
N VAL A 338 1.40 -15.48 -24.92
CA VAL A 338 2.39 -15.87 -23.92
C VAL A 338 2.15 -17.30 -23.45
N LYS A 339 3.24 -18.04 -23.23
CA LYS A 339 3.12 -19.41 -22.74
C LYS A 339 3.03 -19.47 -21.22
N VAL A 340 2.12 -20.30 -20.73
CA VAL A 340 1.92 -20.46 -19.29
C VAL A 340 1.73 -21.93 -18.95
N GLY A 341 2.64 -22.46 -18.13
CA GLY A 341 2.60 -23.85 -17.73
C GLY A 341 2.54 -24.79 -18.92
N SER A 342 1.40 -25.44 -19.05
CA SER A 342 1.10 -26.32 -20.16
C SER A 342 -0.01 -25.80 -21.05
N TYR A 343 -0.35 -24.51 -20.95
CA TYR A 343 -1.42 -23.92 -21.74
C TYR A 343 -0.91 -22.63 -22.30
N VAL A 344 -1.65 -22.01 -23.20
CA VAL A 344 -1.23 -20.72 -23.73
C VAL A 344 -2.37 -19.71 -23.78
N VAL A 345 -2.04 -18.43 -23.75
CA VAL A 345 -3.08 -17.40 -23.78
C VAL A 345 -2.99 -16.55 -25.05
N PRO A 346 -4.12 -16.47 -25.79
CA PRO A 346 -4.21 -15.69 -27.02
C PRO A 346 -3.94 -14.21 -26.80
N LYS A 347 -4.01 -13.42 -27.87
CA LYS A 347 -3.75 -11.99 -27.80
C LYS A 347 -5.04 -11.19 -27.63
N GLY A 348 -4.95 -10.09 -26.87
CA GLY A 348 -6.10 -9.21 -26.64
C GLY A 348 -6.88 -9.57 -25.39
N ASP A 349 -6.37 -10.52 -24.62
CA ASP A 349 -7.04 -10.98 -23.41
C ASP A 349 -6.55 -10.22 -22.18
N ILE A 350 -7.21 -10.46 -21.06
CA ILE A 350 -6.78 -9.88 -19.79
C ILE A 350 -6.34 -10.98 -18.83
N ILE A 351 -5.11 -10.86 -18.35
CA ILE A 351 -4.57 -11.84 -17.40
C ILE A 351 -4.33 -11.19 -16.05
N ALA A 352 -4.53 -11.96 -14.99
CA ALA A 352 -4.41 -11.43 -13.64
C ALA A 352 -3.76 -12.44 -12.71
N CYS A 353 -3.07 -11.94 -11.69
CA CYS A 353 -2.46 -12.77 -10.67
C CYS A 353 -2.91 -12.30 -9.30
N SER A 354 -3.37 -13.22 -8.47
CA SER A 354 -4.01 -12.86 -7.20
C SER A 354 -3.22 -13.27 -5.96
N PRO A 355 -2.74 -12.26 -5.19
CA PRO A 355 -2.11 -12.48 -3.89
C PRO A 355 -3.04 -13.18 -2.90
N LEU A 356 -4.31 -12.81 -2.92
CA LEU A 356 -5.30 -13.38 -2.01
C LEU A 356 -5.46 -14.90 -2.21
N LEU A 357 -5.53 -15.32 -3.46
CA LEU A 357 -5.69 -16.74 -3.78
C LEU A 357 -4.41 -17.54 -3.49
N SER A 358 -3.26 -17.01 -3.90
CA SER A 358 -1.99 -17.71 -3.73
C SER A 358 -1.63 -17.93 -2.26
N HIS A 359 -1.93 -16.94 -1.42
CA HIS A 359 -1.60 -17.01 0.01
C HIS A 359 -2.44 -18.08 0.72
N HIS A 360 -3.39 -18.68 0.01
CA HIS A 360 -4.28 -19.66 0.61
C HIS A 360 -4.15 -21.05 -0.02
N ASP A 361 -3.09 -21.25 -0.79
CA ASP A 361 -2.81 -22.57 -1.36
C ASP A 361 -2.22 -23.52 -0.31
N GLU A 362 -2.80 -24.70 -0.23
CA GLU A 362 -2.42 -25.70 0.78
C GLU A 362 -0.96 -26.16 0.70
N GLU A 363 -0.42 -26.20 -0.51
CA GLU A 363 0.93 -26.71 -0.74
C GLU A 363 2.00 -25.83 -0.08
N ALA A 364 1.85 -24.52 -0.21
CA ALA A 364 2.83 -23.59 0.32
C ALA A 364 2.61 -23.28 1.79
N PHE A 365 1.37 -23.23 2.22
CA PHE A 365 1.08 -22.97 3.61
C PHE A 365 0.14 -24.06 4.07
N PRO A 366 0.53 -24.78 5.11
CA PRO A 366 -0.25 -25.91 5.58
C PRO A 366 -1.61 -25.53 6.05
N ASN A 367 -1.70 -24.44 6.78
CA ASN A 367 -3.01 -23.93 7.18
C ASN A 367 -3.14 -22.43 6.93
N PRO A 368 -3.80 -22.07 5.82
CA PRO A 368 -3.85 -20.68 5.34
C PRO A 368 -4.47 -19.71 6.35
N ARG A 369 -5.43 -20.18 7.13
CA ARG A 369 -6.24 -19.29 7.96
C ARG A 369 -5.62 -19.07 9.35
N LEU A 370 -4.62 -19.86 9.70
CA LEU A 370 -3.96 -19.74 10.99
C LEU A 370 -2.88 -18.65 10.96
N TRP A 371 -2.62 -18.04 12.12
CA TRP A 371 -1.67 -16.93 12.23
C TRP A 371 -0.42 -17.34 13.00
N ASP A 372 0.67 -17.59 12.25
CA ASP A 372 1.94 -17.99 12.84
C ASP A 372 3.10 -17.25 12.19
N PRO A 373 3.86 -16.49 12.99
CA PRO A 373 4.98 -15.67 12.52
C PRO A 373 6.26 -16.45 12.25
N GLU A 374 6.35 -17.67 12.77
CA GLU A 374 7.55 -18.49 12.59
C GLU A 374 7.39 -19.51 11.47
N ARG A 375 6.30 -19.41 10.70
CA ARG A 375 6.08 -20.32 9.58
C ARG A 375 6.94 -19.90 8.39
N ASP A 376 7.28 -20.87 7.55
CA ASP A 376 8.06 -20.59 6.35
C ASP A 376 7.39 -21.20 5.11
N GLU A 377 7.52 -20.53 3.97
CA GLU A 377 6.93 -21.03 2.73
C GLU A 377 7.60 -22.34 2.30
N LYS A 378 6.79 -23.28 1.83
CA LYS A 378 7.30 -24.57 1.39
C LYS A 378 7.68 -24.51 -0.09
N VAL A 379 7.20 -23.49 -0.78
CA VAL A 379 7.55 -23.26 -2.19
C VAL A 379 8.15 -21.87 -2.37
N ASP A 380 9.33 -21.80 -2.96
CA ASP A 380 10.04 -20.53 -3.12
C ASP A 380 9.34 -19.61 -4.12
N GLY A 381 9.02 -18.39 -3.69
CA GLY A 381 8.40 -17.40 -4.55
C GLY A 381 6.89 -17.34 -4.41
N ALA A 382 6.38 -17.99 -3.40
CA ALA A 382 4.96 -17.94 -3.17
C ALA A 382 4.38 -16.62 -2.73
N PHE A 383 5.02 -15.94 -1.79
CA PHE A 383 4.41 -14.77 -1.15
C PHE A 383 4.12 -13.49 -1.94
N ILE A 384 5.06 -12.88 -2.60
CA ILE A 384 4.68 -11.81 -3.49
C ILE A 384 3.75 -10.72 -2.94
N GLY A 385 3.81 -10.41 -1.65
CA GLY A 385 2.98 -9.36 -1.07
C GLY A 385 3.30 -7.97 -1.54
N PHE A 386 4.58 -7.76 -1.69
CA PHE A 386 5.22 -6.53 -2.12
C PHE A 386 5.48 -6.59 -3.60
N GLY A 387 4.87 -7.54 -4.28
CA GLY A 387 5.04 -7.67 -5.71
C GLY A 387 6.26 -8.46 -6.09
N ALA A 388 6.67 -8.40 -7.34
CA ALA A 388 7.82 -9.17 -7.77
C ALA A 388 8.40 -8.76 -9.11
N GLY A 389 9.51 -9.39 -9.45
CA GLY A 389 10.08 -9.23 -10.75
C GLY A 389 10.37 -7.81 -11.16
N VAL A 390 9.99 -7.46 -12.37
CA VAL A 390 10.33 -6.13 -12.88
C VAL A 390 9.55 -4.99 -12.22
N HIS A 391 8.32 -5.28 -11.83
CA HIS A 391 7.56 -4.31 -11.11
C HIS A 391 7.58 -4.72 -9.66
N LYS A 392 8.45 -4.10 -8.90
CA LYS A 392 8.52 -4.29 -7.45
C LYS A 392 8.29 -2.99 -6.70
N CYS A 393 7.45 -3.05 -5.67
CA CYS A 393 7.12 -1.87 -4.86
C CYS A 393 8.36 -1.19 -4.29
N ILE A 394 8.29 0.13 -4.14
CA ILE A 394 9.44 0.97 -3.78
C ILE A 394 9.48 1.37 -2.31
N GLY A 395 8.30 1.63 -1.74
CA GLY A 395 8.21 2.12 -0.37
C GLY A 395 8.41 1.06 0.68
N GLN A 396 8.70 -0.17 0.22
CA GLN A 396 8.87 -1.30 1.12
C GLN A 396 9.72 -0.96 2.35
N LYS A 397 10.98 -0.59 2.12
CA LYS A 397 11.90 -0.26 3.20
C LYS A 397 11.36 0.84 4.12
N PHE A 398 10.77 1.87 3.52
CA PHE A 398 10.27 3.00 4.30
C PHE A 398 9.08 2.62 5.18
N ALA A 399 8.09 1.95 4.59
CA ALA A 399 6.88 1.56 5.31
C ALA A 399 7.20 0.68 6.53
N LEU A 400 8.16 -0.23 6.37
CA LEU A 400 8.52 -1.14 7.46
C LEU A 400 9.14 -0.39 8.64
N LEU A 401 10.15 0.42 8.37
CA LEU A 401 10.81 1.18 9.41
C LEU A 401 9.82 2.00 10.22
N GLN A 402 8.85 2.59 9.54
CA GLN A 402 7.82 3.39 10.20
C GLN A 402 6.88 2.53 11.04
N VAL A 403 6.40 1.43 10.46
CA VAL A 403 5.48 0.56 11.18
C VAL A 403 6.12 -0.06 12.43
N LYS A 404 7.39 -0.43 12.33
CA LYS A 404 8.09 -1.03 13.46
C LYS A 404 8.25 -0.06 14.62
N THR A 405 8.57 1.20 14.30
CA THR A 405 8.80 2.21 15.33
C THR A 405 7.54 2.50 16.13
N ILE A 406 6.39 2.45 15.46
CA ILE A 406 5.12 2.72 16.12
C ILE A 406 4.81 1.63 17.15
N LEU A 407 4.85 0.37 16.72
CA LEU A 407 4.60 -0.73 17.65
C LEU A 407 5.47 -0.58 18.89
N ALA A 408 6.75 -0.35 18.68
CA ALA A 408 7.72 -0.27 19.77
C ALA A 408 7.34 0.80 20.79
N THR A 409 6.87 1.94 20.29
CA THR A 409 6.60 3.09 21.15
C THR A 409 5.26 2.99 21.88
N ALA A 410 4.41 2.07 21.48
CA ALA A 410 3.11 1.97 22.12
C ALA A 410 3.01 0.94 23.21
N PHE A 411 3.52 -0.24 22.97
CA PHE A 411 3.41 -1.29 23.95
C PHE A 411 4.21 -1.00 25.19
N ARG A 412 5.21 -0.15 25.04
CA ARG A 412 6.03 0.23 26.17
C ARG A 412 5.29 1.01 27.23
N GLU A 413 4.19 1.67 26.88
CA GLU A 413 3.54 2.55 27.84
C GLU A 413 2.09 2.14 28.15
N TYR A 414 1.43 1.55 27.15
CA TYR A 414 0.02 1.19 27.28
C TYR A 414 -0.21 -0.32 27.16
N ASP A 415 -1.33 -0.78 27.71
CA ASP A 415 -1.79 -2.16 27.55
C ASP A 415 -3.23 -2.18 27.06
N PHE A 416 -3.47 -2.84 25.94
CA PHE A 416 -4.78 -2.82 25.31
C PHE A 416 -5.58 -4.09 25.56
N GLN A 417 -6.90 -3.98 25.39
CA GLN A 417 -7.79 -5.13 25.53
C GLN A 417 -8.99 -5.05 24.58
N LEU A 418 -9.23 -6.13 23.84
CA LEU A 418 -10.31 -6.21 22.86
C LEU A 418 -11.62 -6.57 23.56
N LEU A 419 -12.71 -5.88 23.18
CA LEU A 419 -14.02 -6.11 23.80
C LEU A 419 -14.82 -7.19 23.08
N ARG A 420 -14.60 -7.30 21.78
CA ARG A 420 -15.32 -8.27 20.95
C ARG A 420 -14.89 -9.70 21.26
N ASP A 421 -15.68 -10.66 20.79
CA ASP A 421 -15.38 -12.08 20.98
C ASP A 421 -14.12 -12.61 20.31
N GLU A 422 -13.94 -12.24 19.06
CA GLU A 422 -12.83 -12.74 18.26
C GLU A 422 -12.42 -11.72 17.25
N VAL A 423 -11.27 -11.94 16.64
CA VAL A 423 -10.78 -10.96 15.72
C VAL A 423 -11.76 -10.69 14.63
N PRO A 424 -11.85 -9.41 14.34
CA PRO A 424 -12.77 -8.84 13.37
C PRO A 424 -12.64 -9.50 12.04
N ASP A 425 -13.69 -9.40 11.27
CA ASP A 425 -13.72 -10.02 9.94
C ASP A 425 -13.33 -9.01 8.87
N PRO A 426 -12.90 -9.50 7.70
CA PRO A 426 -12.53 -8.63 6.59
C PRO A 426 -13.76 -8.01 5.92
N ASP A 427 -13.57 -6.86 5.28
CA ASP A 427 -14.66 -6.19 4.58
C ASP A 427 -14.29 -5.94 3.12
N TYR A 428 -14.92 -6.69 2.21
CA TYR A 428 -14.54 -6.66 0.80
C TYR A 428 -15.24 -5.56 -0.01
N HIS A 429 -15.98 -4.69 0.68
CA HIS A 429 -16.73 -3.62 0.03
C HIS A 429 -15.85 -2.68 -0.83
N THR A 430 -14.82 -2.13 -0.22
CA THR A 430 -13.90 -1.18 -0.83
C THR A 430 -12.92 -1.85 -1.75
N MET A 431 -12.09 -1.06 -2.42
CA MET A 431 -11.12 -1.60 -3.38
C MET A 431 -9.81 -2.00 -2.69
N VAL A 432 -9.43 -1.24 -1.67
CA VAL A 432 -8.29 -1.57 -0.82
C VAL A 432 -8.83 -2.14 0.50
N VAL A 433 -8.68 -3.45 0.68
CA VAL A 433 -9.42 -4.18 1.71
C VAL A 433 -8.76 -4.30 3.08
N GLY A 434 -9.43 -3.78 4.10
CA GLY A 434 -8.98 -3.90 5.48
C GLY A 434 -10.07 -4.45 6.38
N PRO A 435 -9.82 -4.52 7.69
CA PRO A 435 -10.78 -5.06 8.65
C PRO A 435 -12.05 -4.22 8.73
N THR A 436 -13.16 -4.85 9.09
CA THR A 436 -14.44 -4.15 9.18
C THR A 436 -14.46 -3.17 10.35
N LEU A 437 -14.97 -1.97 10.08
CA LEU A 437 -14.86 -0.83 11.00
C LEU A 437 -15.59 -0.96 12.34
N ASN A 438 -16.82 -1.48 12.31
CA ASN A 438 -17.67 -1.50 13.52
C ASN A 438 -17.22 -2.49 14.59
N GLN A 439 -16.20 -3.28 14.29
CA GLN A 439 -15.72 -4.29 15.23
C GLN A 439 -14.43 -3.86 15.90
N CYS A 440 -13.97 -2.64 15.59
CA CYS A 440 -12.65 -2.18 16.00
C CYS A 440 -12.57 -1.50 17.37
N LEU A 441 -13.70 -1.30 18.03
CA LEU A 441 -13.71 -0.61 19.32
C LEU A 441 -12.88 -1.35 20.39
N VAL A 442 -12.00 -0.62 21.06
CA VAL A 442 -11.08 -1.23 22.03
C VAL A 442 -10.90 -0.34 23.27
N LYS A 443 -10.56 -0.97 24.39
CA LYS A 443 -10.34 -0.26 25.65
C LYS A 443 -8.87 -0.29 26.05
N TYR A 444 -8.31 0.88 26.36
CA TYR A 444 -6.89 0.98 26.68
C TYR A 444 -6.65 1.21 28.17
N THR A 445 -5.48 0.78 28.64
CA THR A 445 -5.07 0.97 30.02
C THR A 445 -3.70 1.64 30.04
N ARG A 446 -3.11 1.75 31.22
CA ARG A 446 -1.81 2.40 31.36
C ARG A 446 -0.97 1.79 32.50
N LYS A 447 0.29 1.49 32.20
CA LYS A 447 1.20 0.94 33.19
C LYS A 447 1.92 2.05 33.96
N LYS A 448 2.36 1.73 35.18
CA LYS A 448 3.10 2.68 36.00
C LYS A 448 2.16 3.65 36.70
CHA HEM B . 4.31 -1.21 -6.65
CHB HEM B . 2.22 -3.11 -2.68
CHC HEM B . 3.89 0.64 -0.07
CHD HEM B . 4.56 3.04 -4.24
C1A HEM B . 3.60 -2.06 -5.81
C2A HEM B . 2.97 -3.31 -6.18
C3A HEM B . 2.40 -3.82 -5.09
C4A HEM B . 2.65 -2.94 -3.98
CMA HEM B . 1.61 -5.16 -5.04
CAA HEM B . 2.97 -3.93 -7.60
CBA HEM B . 1.55 -3.91 -8.16
CGA HEM B . 1.61 -4.23 -9.63
O1A HEM B . 2.29 -5.23 -10.00
O2A HEM B . 0.99 -3.50 -10.43
C1B HEM B . 2.53 -2.28 -1.61
C2B HEM B . 2.20 -2.52 -0.22
C3B HEM B . 2.66 -1.49 0.50
C4B HEM B . 3.30 -0.56 -0.41
CMB HEM B . 1.45 -3.74 0.36
CAB HEM B . 2.54 -1.32 2.03
CBB HEM B . 1.93 -2.26 2.76
C1C HEM B . 4.22 1.63 -0.96
C2C HEM B . 4.74 2.95 -0.65
C3C HEM B . 4.92 3.60 -1.79
C4C HEM B . 4.52 2.74 -2.88
CMC HEM B . 5.03 3.50 0.77
CAC HEM B . 5.46 5.04 -1.94
CBC HEM B . 5.79 5.76 -0.85
C1D HEM B . 4.62 2.13 -5.28
C2D HEM B . 4.99 2.45 -6.63
C3D HEM B . 4.92 1.12 -7.41
C4D HEM B . 4.51 0.14 -6.43
CMD HEM B . 5.39 3.84 -7.19
CAD HEM B . 5.23 0.96 -8.90
CBD HEM B . 5.32 -0.50 -9.32
CGD HEM B . 6.20 -0.55 -10.54
O1D HEM B . 7.42 -0.30 -10.40
O2D HEM B . 5.68 -0.85 -11.64
NA HEM B . 3.38 -1.86 -4.46
NB HEM B . 3.19 -1.08 -1.69
NC HEM B . 4.10 1.53 -2.34
ND HEM B . 4.35 0.77 -5.20
FE HEM B . 3.77 -0.14 -3.45
OAA VNF C . -1.92 3.67 -6.22
CLAB VNF C . 6.36 7.56 -12.18
CAC VNF C . -5.70 1.74 -6.82
CAD VNF C . -5.32 1.88 -5.49
CAE VNF C . -4.78 1.34 -7.78
CAF VNF C . 1.74 0.66 -2.62
CAG VNF C . -4.00 1.60 -5.11
CAH VNF C . -3.46 1.07 -7.40
CAI VNF C . 4.85 7.26 -9.96
CAJ VNF C . 4.36 5.78 -11.79
CAK VNF C . 0.51 3.24 -8.69
CAL VNF C . 0.74 4.92 -6.99
CAM VNF C . 3.84 6.67 -9.21
CAN VNF C . 3.35 5.17 -11.04
CAO VNF C . 1.49 3.86 -9.45
CAP VNF C . 1.72 5.55 -7.75
CAQ VNF C . 0.49 1.14 -2.61
CAR VNF C . 0.81 0.10 -4.49
CAS VNF C . -1.43 1.12 -4.17
NAT VNF C . 1.93 0.02 -3.78
NAU VNF C . -0.71 1.77 -6.43
CAV VNF C . -0.95 3.06 -6.64
CAW VNF C . 5.11 6.82 -11.25
CAX VNF C . 0.13 3.77 -7.47
CAY VNF C . 3.09 5.63 -9.75
CAZ VNF C . 2.10 5.02 -8.99
CBA VNF C . -3.07 1.20 -6.07
CBB VNF C . -1.63 0.90 -5.68
NBC VNF C . -0.06 0.79 -3.76
#